data_8G87
#
_entry.id   8G87
#
_cell.length_a   1.00
_cell.length_b   1.00
_cell.length_c   1.00
_cell.angle_alpha   90.00
_cell.angle_beta   90.00
_cell.angle_gamma   90.00
#
_symmetry.space_group_name_H-M   'P 1'
#
loop_
_entity.id
_entity.type
_entity.pdbx_description
1 polymer 'nMatn1 DNA (top strand)'
2 polymer 'nMatn1 DNA (bottom strand)'
3 polymer 'POU domain, class 5, transcription factor 1'
#
loop_
_entity_poly.entity_id
_entity_poly.type
_entity_poly.pdbx_seq_one_letter_code
_entity_poly.pdbx_strand_id
1 'polydeoxyribonucleotide'
;(DA)(DC)(DA)(DT)(DG)(DC)(DA)(DC)(DA)(DC)(DA)(DT)(DG)(DC)(DT)(DA)(DA)(DT)(DA)(DT)
(DA)(DT)(DG)(DC)(DA)(DC)(DA)(DC)(DA)(DA)(DT)(DG)(DC)(DA)(DC)(DA)(DC)(DA)(DG)(DG)
(DT)(DT)(DA)(DA)(DT)(DA)(DT)(DA)(DT)(DA)(DC)(DA)(DC)(DA)(DT)(DA)(DC)(DA)(DC)(DA)
(DC)(DA)(DC)(DA)(DT)(DG)(DC)(DA)(DC)(DA)(DC)(DA)(DC)(DA)(DC)(DG)(DT)(DG)(DC)(DA)
(DC)(DA)(DC)(DA)(DT)(DA)(DT)(DA)(DT)(DG)(DC)(DA)(DC)(DA)(DT)(DG)(DC)(DA)(DT)(DG)
(DC)(DA)(DC)(DA)(DC)(DA)(DC)(DG)(DT)(DA)(DT)(DA)(DT)(DG)(DC)(DA)(DC)(DA)(DC)(DA)
(DC)(DA)(DT)(DG)(DC)(DA)(DC)(DA)(DT)(DG)(DC)(DA)(DT)(DG)(DC)(DG)(DC)(DA)(DC)(DA)
(DT)(DA)(DG)(DT)(DC)(DA)(DC)(DA)(DC)(DA)(DC)(DA)(DT)(DG)(DC)(DA)(DC)(DA)(DC)(DA)
(DT)(DT)(DA)(DG)(DC)(DA)(DT)(DA)(DT)(DG)(DC)(DA)(DT)(DA)(DC)(DA)(DC)(DA)(DT)(DA)
(DC)(DA)(DT)(DG)(DC)(DA)
;
I
2 'polydeoxyribonucleotide'
;(DT)(DG)(DC)(DA)(DT)(DG)(DT)(DA)(DT)(DG)(DT)(DG)(DT)(DA)(DT)(DG)(DC)(DA)(DT)(DA)
(DT)(DG)(DC)(DT)(DA)(DA)(DT)(DG)(DT)(DG)(DT)(DG)(DC)(DA)(DT)(DG)(DT)(DG)(DT)(DG)
(DT)(DG)(DA)(DC)(DT)(DA)(DT)(DG)(DT)(DG)(DC)(DG)(DC)(DA)(DT)(DG)(DC)(DA)(DT)(DG)
(DT)(DG)(DC)(DA)(DT)(DG)(DT)(DG)(DT)(DG)(DT)(DG)(DC)(DA)(DT)(DA)(DT)(DA)(DC)(DG)
(DT)(DG)(DT)(DG)(DT)(DG)(DC)(DA)(DT)(DG)(DC)(DA)(DT)(DG)(DT)(DG)(DC)(DA)(DT)(DA)
(DT)(DA)(DT)(DG)(DT)(DG)(DT)(DG)(DC)(DA)(DC)(DG)(DT)(DG)(DT)(DG)(DT)(DG)(DT)(DG)
(DC)(DA)(DT)(DG)(DT)(DG)(DT)(DG)(DT)(DG)(DT)(DA)(DT)(DG)(DT)(DG)(DT)(DA)(DT)(DA)
(DT)(DA)(DT)(DT)(DA)(DA)(DC)(DC)(DT)(DG)(DT)(DG)(DT)(DG)(DC)(DA)(DT)(DT)(DG)(DT)
(DG)(DT)(DG)(DC)(DA)(DT)(DA)(DT)(DA)(DT)(DT)(DA)(DG)(DC)(DA)(DT)(DG)(DT)(DG)(DT)
(DG)(DC)(DA)(DT)(DG)(DT)
;
J
3 'polypeptide(L)'
;GSSHHHHHHSSGLVPRGSHMASMTGGQQMGRDPNSMAGHLASDFAFSPPPGGGGDGPGGPEPGWVDPRTWLSFQGPPGGP
GIGPGVGPGSEVWGIPPCPPPYEFCGGMAYCGPQVGVGLVPQGGLETSQPEGEAGVGVESNSDGASPEPCTVTPGAVKLE
KEKLEQNPEESQDIKALQKELEQFAKLLKQKRITLGYTQADVGLTLGVLFGKVFSQTTICRFEALQLSFKNMCKLRPLLQ
KWVEEADNNENLQEICKAETLVQARKRKRTSIENRVRGNLENLFLQCPKPTLQQISHIAQQLGLEKDVVRVWFCNRRQKG
KRSSSDYAQREDFEAAGSPFSGGPVSFPLAPGPHFGTPGYGSPHFTALYSSVPFPEGEAFPPVSVTTLGSPMHSN
;
X
#
loop_
_chem_comp.id
_chem_comp.type
_chem_comp.name
_chem_comp.formula
DA DNA linking 2'-DEOXYADENOSINE-5'-MONOPHOSPHATE 'C10 H14 N5 O6 P'
DC DNA linking 2'-DEOXYCYTIDINE-5'-MONOPHOSPHATE 'C9 H14 N3 O7 P'
DG DNA linking 2'-DEOXYGUANOSINE-5'-MONOPHOSPHATE 'C10 H14 N5 O7 P'
DT DNA linking THYMIDINE-5'-MONOPHOSPHATE 'C10 H15 N2 O8 P'
#
# COMPACT_ATOMS: atom_id res chain seq x y z
N LYS C 175 22.79 9.55 4.39
CA LYS C 175 23.29 10.92 4.46
C LYS C 175 22.72 11.76 3.34
N ALA C 176 23.55 12.01 2.32
CA ALA C 176 23.12 12.76 1.15
C ALA C 176 22.13 11.99 0.30
N LEU C 177 21.91 10.71 0.62
CA LEU C 177 20.86 9.96 -0.06
C LEU C 177 19.51 10.65 0.09
N GLN C 178 19.30 11.36 1.21
CA GLN C 178 18.07 12.11 1.39
C GLN C 178 17.89 13.16 0.30
N LYS C 179 18.91 14.00 0.09
CA LYS C 179 18.77 15.04 -0.91
C LYS C 179 18.76 14.48 -2.32
N GLU C 180 19.49 13.39 -2.56
CA GLU C 180 19.46 12.78 -3.89
C GLU C 180 18.07 12.21 -4.18
N LEU C 181 17.44 11.56 -3.20
CA LEU C 181 16.06 11.12 -3.36
C LEU C 181 15.14 12.31 -3.61
N GLU C 182 15.34 13.41 -2.89
CA GLU C 182 14.46 14.56 -3.04
C GLU C 182 14.56 15.15 -4.44
N GLN C 183 15.79 15.29 -4.95
CA GLN C 183 15.99 15.76 -6.32
C GLN C 183 15.36 14.82 -7.33
N PHE C 184 15.54 13.50 -7.13
CA PHE C 184 14.91 12.55 -8.03
C PHE C 184 13.40 12.67 -8.00
N ALA C 185 12.83 12.88 -6.82
CA ALA C 185 11.38 12.97 -6.69
C ALA C 185 10.85 14.21 -7.36
N LYS C 186 11.54 15.33 -7.23
CA LYS C 186 11.11 16.56 -7.91
C LYS C 186 11.14 16.36 -9.42
N LEU C 187 12.24 15.81 -9.94
CA LEU C 187 12.27 15.54 -11.37
C LEU C 187 11.21 14.52 -11.77
N LEU C 188 10.91 13.55 -10.91
CA LEU C 188 9.86 12.57 -11.19
C LEU C 188 8.51 13.23 -11.31
N LYS C 189 8.21 14.17 -10.40
CA LYS C 189 6.98 14.94 -10.52
C LYS C 189 6.93 15.69 -11.84
N GLN C 190 8.07 16.30 -12.23
CA GLN C 190 8.09 17.04 -13.47
C GLN C 190 7.83 16.14 -14.67
N LYS C 191 8.47 14.97 -14.73
CA LYS C 191 8.21 14.06 -15.85
C LYS C 191 6.77 13.55 -15.85
N ARG C 192 6.23 13.24 -14.68
CA ARG C 192 4.85 12.76 -14.64
C ARG C 192 3.88 13.82 -15.15
N ILE C 193 4.08 15.07 -14.72
CA ILE C 193 3.20 16.14 -15.18
C ILE C 193 3.40 16.38 -16.67
N THR C 194 4.64 16.26 -17.16
CA THR C 194 4.88 16.50 -18.58
C THR C 194 4.31 15.39 -19.46
N LEU C 195 4.29 14.16 -18.96
CA LEU C 195 3.84 13.01 -19.75
C LEU C 195 2.33 12.83 -19.74
N GLY C 196 1.60 13.61 -18.95
CA GLY C 196 0.15 13.46 -18.91
C GLY C 196 -0.32 12.14 -18.33
N TYR C 197 0.26 11.70 -17.21
CA TYR C 197 -0.14 10.48 -16.53
C TYR C 197 -0.59 10.80 -15.11
N THR C 198 -1.75 10.29 -14.73
CA THR C 198 -2.22 10.39 -13.37
C THR C 198 -1.50 9.36 -12.50
N GLN C 199 -1.57 9.57 -11.18
CA GLN C 199 -0.87 8.66 -10.27
C GLN C 199 -1.47 7.26 -10.32
N ALA C 200 -2.80 7.17 -10.44
CA ALA C 200 -3.42 5.87 -10.64
C ALA C 200 -2.92 5.24 -11.95
N ASP C 201 -2.79 6.06 -12.99
CA ASP C 201 -2.20 5.57 -14.23
C ASP C 201 -0.75 5.16 -14.04
N VAL C 202 -0.01 5.86 -13.19
CA VAL C 202 1.37 5.46 -12.89
C VAL C 202 1.40 4.09 -12.22
N GLY C 203 0.49 3.86 -11.26
CA GLY C 203 0.41 2.55 -10.65
C GLY C 203 0.03 1.46 -11.63
N LEU C 204 -0.90 1.77 -12.54
CA LEU C 204 -1.28 0.81 -13.57
C LEU C 204 -0.10 0.47 -14.48
N THR C 205 0.68 1.48 -14.87
CA THR C 205 1.84 1.24 -15.71
C THR C 205 2.89 0.41 -14.97
N LEU C 206 3.12 0.72 -13.70
CA LEU C 206 4.06 -0.07 -12.90
C LEU C 206 3.60 -1.52 -12.82
N GLY C 207 2.29 -1.73 -12.65
CA GLY C 207 1.77 -3.09 -12.61
C GLY C 207 1.94 -3.83 -13.93
N VAL C 208 1.62 -3.16 -15.05
CA VAL C 208 1.70 -3.84 -16.34
C VAL C 208 3.12 -3.94 -16.87
N LEU C 209 4.10 -3.28 -16.25
CA LEU C 209 5.48 -3.42 -16.64
C LEU C 209 6.34 -4.19 -15.65
N PHE C 210 5.87 -4.41 -14.43
CA PHE C 210 6.65 -5.18 -13.46
C PHE C 210 5.82 -6.27 -12.79
N GLY C 211 4.52 -6.05 -12.67
CA GLY C 211 3.64 -6.99 -11.98
C GLY C 211 3.25 -6.58 -10.58
N LYS C 212 4.01 -5.67 -9.96
CA LYS C 212 3.69 -5.18 -8.61
C LYS C 212 2.98 -3.83 -8.77
N VAL C 213 1.67 -3.91 -9.04
CA VAL C 213 0.87 -2.70 -9.16
C VAL C 213 0.77 -2.01 -7.81
N PHE C 214 0.99 -0.71 -7.80
CA PHE C 214 0.93 0.08 -6.58
C PHE C 214 -0.26 1.05 -6.64
N SER C 215 -0.78 1.38 -5.48
CA SER C 215 -1.92 2.27 -5.38
C SER C 215 -1.47 3.73 -5.43
N GLN C 216 -2.38 4.60 -5.84
CA GLN C 216 -2.04 6.00 -6.05
C GLN C 216 -1.68 6.71 -4.75
N THR C 217 -2.09 6.17 -3.60
CA THR C 217 -1.67 6.76 -2.33
C THR C 217 -0.16 6.64 -2.15
N THR C 218 0.42 5.51 -2.56
CA THR C 218 1.87 5.36 -2.46
C THR C 218 2.60 6.37 -3.33
N ILE C 219 2.09 6.61 -4.55
CA ILE C 219 2.71 7.59 -5.43
C ILE C 219 2.57 9.00 -4.86
N CYS C 220 1.41 9.31 -4.28
CA CYS C 220 1.24 10.60 -3.60
C CYS C 220 2.27 10.77 -2.49
N ARG C 221 2.35 9.79 -1.59
CA ARG C 221 3.29 9.89 -0.48
C ARG C 221 4.74 9.90 -0.96
N PHE C 222 5.00 9.34 -2.13
CA PHE C 222 6.33 9.43 -2.72
C PHE C 222 6.62 10.86 -3.17
N GLU C 223 5.80 11.39 -4.07
CA GLU C 223 6.04 12.72 -4.63
C GLU C 223 6.04 13.79 -3.55
N ALA C 224 5.29 13.58 -2.48
CA ALA C 224 5.34 14.48 -1.33
C ALA C 224 6.39 14.05 -0.30
N LEU C 225 7.10 12.95 -0.56
CA LEU C 225 8.17 12.47 0.31
C LEU C 225 7.64 12.18 1.72
N GLN C 226 6.62 11.33 1.78
CA GLN C 226 6.01 10.96 3.04
C GLN C 226 6.40 9.56 3.51
N LEU C 227 6.73 8.67 2.57
CA LEU C 227 7.05 7.30 2.92
C LEU C 227 8.35 7.23 3.72
N SER C 228 8.57 6.09 4.37
CA SER C 228 9.75 5.91 5.18
C SER C 228 10.99 5.72 4.30
N PHE C 229 12.17 5.82 4.93
CA PHE C 229 13.42 5.80 4.20
C PHE C 229 13.63 4.47 3.49
N LYS C 230 13.40 3.36 4.19
CA LYS C 230 13.57 2.05 3.56
C LYS C 230 12.62 1.90 2.39
N ASN C 231 11.36 2.31 2.57
CA ASN C 231 10.41 2.28 1.47
C ASN C 231 10.84 3.24 0.36
N MET C 232 11.40 4.39 0.73
CA MET C 232 11.92 5.34 -0.24
C MET C 232 12.92 4.66 -1.18
N CYS C 233 13.91 4.01 -0.60
CA CYS C 233 14.91 3.31 -1.40
C CYS C 233 14.29 2.16 -2.17
N LYS C 234 13.32 1.47 -1.57
CA LYS C 234 12.73 0.30 -2.22
C LYS C 234 11.99 0.69 -3.51
N LEU C 235 11.25 1.79 -3.48
CA LEU C 235 10.57 2.22 -4.71
C LEU C 235 11.40 3.13 -5.60
N ARG C 236 12.60 3.54 -5.20
CA ARG C 236 13.44 4.26 -6.16
C ARG C 236 13.67 3.49 -7.46
N PRO C 237 14.10 2.23 -7.46
CA PRO C 237 14.50 1.62 -8.75
C PRO C 237 13.35 1.42 -9.72
N LEU C 238 12.17 1.05 -9.23
CA LEU C 238 11.04 0.82 -10.14
C LEU C 238 10.69 2.09 -10.89
N LEU C 239 10.64 3.22 -10.18
CA LEU C 239 10.32 4.48 -10.84
C LEU C 239 11.45 4.92 -11.76
N GLN C 240 12.70 4.68 -11.37
CA GLN C 240 13.81 4.95 -12.27
C GLN C 240 13.64 4.21 -13.59
N LYS C 241 13.35 2.91 -13.51
CA LYS C 241 13.18 2.11 -14.72
C LYS C 241 11.99 2.60 -15.54
N TRP C 242 10.89 2.95 -14.88
CA TRP C 242 9.72 3.38 -15.65
C TRP C 242 10.00 4.68 -16.39
N VAL C 243 10.64 5.64 -15.72
CA VAL C 243 10.92 6.90 -16.40
C VAL C 243 11.97 6.70 -17.49
N GLU C 244 12.89 5.76 -17.31
CA GLU C 244 13.89 5.54 -18.35
C GLU C 244 13.38 4.70 -19.51
N GLU C 245 12.24 4.02 -19.34
CA GLU C 245 11.72 3.15 -20.39
C GLU C 245 10.52 3.73 -21.13
N ALA C 246 9.59 4.39 -20.44
CA ALA C 246 8.32 4.79 -21.04
C ALA C 246 8.46 5.88 -22.09
N ASP C 247 9.62 6.52 -22.19
CA ASP C 247 9.79 7.65 -23.10
C ASP C 247 9.72 7.26 -24.57
N ASN C 248 9.84 5.97 -24.90
CA ASN C 248 9.96 5.57 -26.30
C ASN C 248 8.60 5.58 -27.01
N ASN C 249 7.67 4.77 -26.53
CA ASN C 249 6.34 4.70 -27.12
C ASN C 249 5.31 4.52 -26.03
N GLU C 250 4.18 5.20 -26.15
CA GLU C 250 3.13 5.16 -25.14
C GLU C 250 1.88 4.42 -25.60
N ASN C 251 1.63 4.35 -26.90
CA ASN C 251 0.37 3.78 -27.39
C ASN C 251 0.26 2.30 -27.05
N LEU C 252 1.31 1.52 -27.34
CA LEU C 252 1.25 0.09 -27.07
C LEU C 252 1.14 -0.18 -25.57
N GLN C 253 1.86 0.58 -24.76
CA GLN C 253 1.75 0.42 -23.32
C GLN C 253 0.34 0.71 -22.84
N GLU C 254 -0.28 1.77 -23.38
CA GLU C 254 -1.65 2.10 -23.01
C GLU C 254 -2.61 0.99 -23.40
N ILE C 255 -2.42 0.42 -24.59
CA ILE C 255 -3.32 -0.62 -25.07
C ILE C 255 -3.00 -1.94 -24.39
N GLU C 273 -16.95 -3.12 8.00
CA GLU C 273 -18.04 -2.18 8.20
C GLU C 273 -18.31 -2.03 9.70
N ASN C 274 -19.01 -0.95 10.05
CA ASN C 274 -19.06 -0.50 11.43
C ASN C 274 -19.77 -1.51 12.35
N ARG C 275 -20.81 -2.17 11.86
CA ARG C 275 -21.50 -3.15 12.72
C ARG C 275 -20.62 -4.37 12.97
N VAL C 276 -19.87 -4.82 11.96
CA VAL C 276 -18.89 -5.89 12.18
C VAL C 276 -17.84 -5.44 13.18
N ARG C 277 -17.40 -4.18 13.08
CA ARG C 277 -16.43 -3.66 14.03
C ARG C 277 -16.98 -3.68 15.45
N GLY C 278 -18.23 -3.24 15.61
CA GLY C 278 -18.84 -3.25 16.93
C GLY C 278 -19.03 -4.65 17.49
N ASN C 279 -19.44 -5.59 16.63
CA ASN C 279 -19.60 -6.97 17.06
C ASN C 279 -18.26 -7.57 17.50
N LEU C 280 -17.20 -7.30 16.74
CA LEU C 280 -15.89 -7.82 17.13
C LEU C 280 -15.40 -7.18 18.42
N GLU C 281 -15.65 -5.88 18.60
CA GLU C 281 -15.29 -5.25 19.87
C GLU C 281 -16.07 -5.87 21.02
N ASN C 282 -17.34 -6.21 20.79
CA ASN C 282 -18.12 -6.95 21.79
C ASN C 282 -17.50 -8.32 22.06
N LEU C 283 -16.99 -8.97 21.02
CA LEU C 283 -16.29 -10.25 21.20
C LEU C 283 -15.03 -10.08 22.03
N PHE C 284 -14.40 -8.92 21.98
CA PHE C 284 -13.37 -8.62 22.95
C PHE C 284 -13.99 -8.14 24.26
N LEU C 285 -13.11 -7.80 25.20
CA LEU C 285 -13.38 -7.50 26.60
C LEU C 285 -13.77 -8.75 27.38
N GLN C 286 -13.89 -9.91 26.73
CA GLN C 286 -14.14 -11.17 27.42
C GLN C 286 -13.09 -12.24 27.17
N CYS C 287 -12.62 -12.39 25.92
CA CYS C 287 -11.59 -13.35 25.57
C CYS C 287 -10.58 -12.68 24.65
N PRO C 288 -9.50 -12.15 25.21
CA PRO C 288 -8.55 -11.38 24.38
C PRO C 288 -7.92 -12.17 23.25
N LYS C 289 -7.54 -13.42 23.49
CA LYS C 289 -6.87 -14.25 22.48
C LYS C 289 -7.69 -15.51 22.30
N PRO C 290 -8.64 -15.50 21.38
CA PRO C 290 -9.42 -16.71 21.12
C PRO C 290 -8.62 -17.75 20.35
N THR C 291 -9.09 -18.98 20.45
CA THR C 291 -8.50 -20.10 19.73
C THR C 291 -8.98 -20.13 18.29
N LEU C 292 -8.29 -20.89 17.45
CA LEU C 292 -8.71 -21.05 16.06
C LEU C 292 -10.09 -21.68 15.97
N GLN C 293 -10.43 -22.53 16.94
CA GLN C 293 -11.76 -23.14 16.96
C GLN C 293 -12.84 -22.08 17.09
N GLN C 294 -12.62 -21.07 17.93
CA GLN C 294 -13.56 -19.96 18.02
C GLN C 294 -13.43 -19.01 16.85
N ILE C 295 -12.23 -18.88 16.29
CA ILE C 295 -12.00 -17.98 15.17
C ILE C 295 -12.82 -18.41 13.96
N SER C 296 -12.88 -19.72 13.71
CA SER C 296 -13.69 -20.21 12.59
C SER C 296 -15.15 -19.87 12.78
N HIS C 297 -15.67 -20.03 14.00
CA HIS C 297 -17.06 -19.67 14.28
C HIS C 297 -17.28 -18.18 14.08
N ILE C 298 -16.35 -17.35 14.55
CA ILE C 298 -16.48 -15.90 14.38
C ILE C 298 -16.51 -15.54 12.89
N ALA C 299 -15.61 -16.16 12.12
CA ALA C 299 -15.56 -15.88 10.68
C ALA C 299 -16.86 -16.27 9.99
N GLN C 300 -17.39 -17.45 10.31
CA GLN C 300 -18.64 -17.87 9.70
C GLN C 300 -19.81 -16.99 10.15
N GLN C 301 -19.76 -16.52 11.40
CA GLN C 301 -20.84 -15.68 11.91
C GLN C 301 -20.92 -14.36 11.18
N LEU C 302 -19.78 -13.67 11.04
CA LEU C 302 -19.79 -12.37 10.38
C LEU C 302 -19.42 -12.40 8.90
N GLY C 303 -19.30 -13.58 8.29
CA GLY C 303 -19.12 -13.62 6.86
C GLY C 303 -17.78 -13.12 6.37
N LEU C 304 -16.78 -13.08 7.24
CA LEU C 304 -15.45 -12.62 6.86
C LEU C 304 -14.53 -13.81 6.61
N GLU C 305 -13.53 -13.58 5.77
CA GLU C 305 -12.55 -14.62 5.48
C GLU C 305 -11.74 -14.96 6.74
N LYS C 306 -11.29 -16.21 6.81
CA LYS C 306 -10.54 -16.65 7.97
C LYS C 306 -9.24 -15.88 8.12
N ASP C 307 -8.51 -15.69 7.02
CA ASP C 307 -7.26 -14.95 7.08
C ASP C 307 -7.50 -13.48 7.44
N VAL C 308 -8.57 -12.90 6.89
CA VAL C 308 -8.90 -11.52 7.23
C VAL C 308 -9.18 -11.38 8.72
N VAL C 309 -9.98 -12.30 9.27
CA VAL C 309 -10.31 -12.21 10.68
C VAL C 309 -9.07 -12.45 11.54
N ARG C 310 -8.19 -13.36 11.11
CA ARG C 310 -6.98 -13.64 11.89
C ARG C 310 -6.06 -12.42 11.92
N VAL C 311 -5.83 -11.79 10.77
CA VAL C 311 -4.95 -10.62 10.75
C VAL C 311 -5.59 -9.46 11.49
N TRP C 312 -6.92 -9.31 11.41
CA TRP C 312 -7.57 -8.22 12.13
C TRP C 312 -7.47 -8.45 13.62
N PHE C 313 -7.57 -9.71 14.05
CA PHE C 313 -7.41 -10.06 15.46
C PHE C 313 -6.00 -9.72 15.93
N CYS C 314 -5.01 -10.07 15.11
CA CYS C 314 -3.62 -9.77 15.46
C CYS C 314 -3.41 -8.27 15.59
N ASN C 315 -3.95 -7.48 14.66
CA ASN C 315 -3.75 -6.04 14.74
C ASN C 315 -4.55 -5.41 15.87
N ARG C 316 -5.70 -5.98 16.21
CA ARG C 316 -6.41 -5.55 17.41
C ARG C 316 -5.55 -5.73 18.64
N ARG C 317 -4.98 -6.92 18.80
CA ARG C 317 -4.05 -7.16 19.90
C ARG C 317 -2.89 -6.17 19.85
N GLN C 318 -2.39 -5.89 18.65
CA GLN C 318 -1.23 -5.03 18.50
C GLN C 318 -1.53 -3.61 18.98
N LYS C 319 -2.67 -3.06 18.55
CA LYS C 319 -2.96 -1.69 18.93
C LYS C 319 -3.40 -1.59 20.38
N GLY C 320 -4.00 -2.65 20.92
CA GLY C 320 -4.29 -2.67 22.34
C GLY C 320 -3.07 -2.84 23.22
N LYS C 321 -2.00 -3.45 22.68
CA LYS C 321 -0.75 -3.56 23.41
C LYS C 321 0.16 -2.35 23.22
N ARG C 322 -0.12 -1.52 22.20
CA ARG C 322 0.58 -0.24 22.11
C ARG C 322 0.52 0.54 23.43
N SER C 323 -0.67 0.69 23.99
CA SER C 323 -0.84 1.45 25.22
C SER C 323 -0.65 0.57 26.44
#